data_7Z78
#
_entry.id   7Z78
#
_cell.length_a   61.064
_cell.length_b   61.064
_cell.length_c   89.275
_cell.angle_alpha   90.000
_cell.angle_beta   90.000
_cell.angle_gamma   120.000
#
_symmetry.space_group_name_H-M   'P 31'
#
loop_
_entity.id
_entity.type
_entity.pdbx_description
1 polymer 'Probable global transcription activator SNF2L2'
2 non-polymer 4-bromanyl-7-cyclopentyl-9-piperidin-4-yl-benzimidazolo[1,2-a]quinazolin-5-one
3 non-polymer 'ZINC ION'
4 water water
#
_entity_poly.entity_id   1
_entity_poly.type   'polypeptide(L)'
_entity_poly.pdbx_seq_one_letter_code
;SMAEKLSPNPPKLTKQMNAIIDTVINYKDSSGRQLSEVFIQLPSRKELPEYYELIRKPVDFKKIKERIRNHKYRSLGDLE
KDVMLLCHNAQTFNLEGSQIYEDSIVLQSVFKSARQKIAKEEE
;
_entity_poly.pdbx_strand_id   A,B,C
#
loop_
_chem_comp.id
_chem_comp.type
_chem_comp.name
_chem_comp.formula
IF8 non-polymer 4-bromanyl-7-cyclopentyl-9-piperidin-4-yl-benzimidazolo[1,2-a]quinazolin-5-one 'C24 H25 Br N4 O'
ZN non-polymer 'ZINC ION' 'Zn 2'
#
# COMPACT_ATOMS: atom_id res chain seq x y z
N SER A 7 21.38 -6.68 21.14
CA SER A 7 21.70 -5.57 20.24
C SER A 7 20.41 -5.04 19.62
N PRO A 8 20.32 -3.74 19.31
CA PRO A 8 19.09 -3.20 18.75
C PRO A 8 18.63 -3.86 17.45
N ASN A 9 17.32 -3.91 17.23
CA ASN A 9 16.82 -4.42 15.93
C ASN A 9 17.51 -3.61 14.83
N PRO A 10 17.92 -4.20 13.70
CA PRO A 10 18.54 -3.42 12.60
C PRO A 10 17.52 -2.48 11.95
N PRO A 11 17.94 -1.33 11.36
CA PRO A 11 16.98 -0.38 10.75
C PRO A 11 16.04 -0.98 9.71
N LYS A 12 16.52 -1.97 8.91
CA LYS A 12 15.70 -2.60 7.89
C LYS A 12 14.50 -3.31 8.52
N LEU A 13 14.70 -4.06 9.63
CA LEU A 13 13.62 -4.77 10.32
C LEU A 13 12.56 -3.81 10.86
N THR A 14 13.00 -2.71 11.50
CA THR A 14 12.13 -1.69 12.07
C THR A 14 11.25 -1.05 10.98
N LYS A 15 11.89 -0.64 9.86
CA LYS A 15 11.19 -0.04 8.73
C LYS A 15 10.15 -1.00 8.15
N GLN A 16 10.54 -2.30 8.01
CA GLN A 16 9.67 -3.34 7.47
C GLN A 16 8.40 -3.53 8.32
N MET A 17 8.55 -3.60 9.66
CA MET A 17 7.41 -3.83 10.53
C MET A 17 6.41 -2.69 10.50
N ASN A 18 6.91 -1.43 10.49
CA ASN A 18 6.04 -0.25 10.43
C ASN A 18 5.27 -0.24 9.13
N ALA A 19 5.94 -0.51 8.00
CA ALA A 19 5.28 -0.49 6.70
C ALA A 19 4.23 -1.61 6.58
N ILE A 20 4.55 -2.83 7.06
CA ILE A 20 3.61 -3.96 7.01
C ILE A 20 2.35 -3.65 7.86
N ILE A 21 2.55 -3.23 9.12
CA ILE A 21 1.40 -2.99 9.97
C ILE A 21 0.55 -1.81 9.47
N ASP A 22 1.19 -0.77 8.91
CA ASP A 22 0.46 0.38 8.37
C ASP A 22 -0.37 -0.05 7.19
N THR A 23 0.18 -0.96 6.33
CA THR A 23 -0.54 -1.49 5.17
C THR A 23 -1.79 -2.24 5.61
N VAL A 24 -1.66 -3.08 6.66
CA VAL A 24 -2.79 -3.85 7.19
C VAL A 24 -3.86 -2.95 7.80
N ILE A 25 -3.43 -2.01 8.62
CA ILE A 25 -4.37 -1.13 9.29
C ILE A 25 -5.08 -0.19 8.31
N ASN A 26 -4.33 0.35 7.34
CA ASN A 26 -4.89 1.31 6.37
C ASN A 26 -5.71 0.67 5.24
N TYR A 27 -5.61 -0.67 5.09
CA TYR A 27 -6.29 -1.40 4.01
C TYR A 27 -7.79 -1.12 3.94
N LYS A 28 -8.28 -0.82 2.73
CA LYS A 28 -9.70 -0.63 2.43
C LYS A 28 -10.09 -1.61 1.33
N ASP A 29 -11.24 -2.28 1.48
CA ASP A 29 -11.69 -3.24 0.46
C ASP A 29 -12.33 -2.50 -0.72
N SER A 30 -12.83 -3.26 -1.72
CA SER A 30 -13.48 -2.68 -2.90
C SER A 30 -14.70 -1.80 -2.58
N SER A 31 -15.30 -1.96 -1.38
CA SER A 31 -16.43 -1.13 -0.92
C SER A 31 -15.98 0.17 -0.24
N GLY A 32 -14.67 0.32 0.00
CA GLY A 32 -14.09 1.50 0.64
C GLY A 32 -14.05 1.44 2.16
N ARG A 33 -14.31 0.25 2.71
CA ARG A 33 -14.33 0.06 4.16
C ARG A 33 -12.96 -0.34 4.74
N GLN A 34 -12.51 0.38 5.80
CA GLN A 34 -11.24 0.05 6.44
C GLN A 34 -11.48 -1.15 7.35
N LEU A 35 -11.03 -2.32 6.91
CA LEU A 35 -11.33 -3.56 7.61
C LEU A 35 -10.79 -3.68 9.02
N SER A 36 -9.69 -2.98 9.33
CA SER A 36 -9.06 -3.08 10.64
C SER A 36 -9.82 -2.39 11.76
N GLU A 37 -10.77 -1.51 11.40
CA GLU A 37 -11.46 -0.61 12.35
C GLU A 37 -11.87 -1.26 13.67
N VAL A 38 -12.63 -2.37 13.62
CA VAL A 38 -13.12 -3.01 14.84
C VAL A 38 -11.96 -3.66 15.63
N PHE A 39 -10.87 -4.01 14.94
CA PHE A 39 -9.77 -4.77 15.54
C PHE A 39 -8.71 -3.91 16.22
N ILE A 40 -8.82 -2.56 16.12
CA ILE A 40 -7.81 -1.71 16.71
C ILE A 40 -7.77 -1.89 18.22
N GLN A 41 -8.95 -1.94 18.84
CA GLN A 41 -9.10 -2.07 20.29
C GLN A 41 -10.04 -3.23 20.62
N LEU A 42 -9.63 -4.05 21.59
CA LEU A 42 -10.40 -5.17 22.12
C LEU A 42 -11.69 -4.65 22.73
N PRO A 43 -12.73 -5.50 22.77
CA PRO A 43 -13.96 -5.08 23.43
C PRO A 43 -13.70 -4.93 24.93
N SER A 44 -14.49 -4.10 25.61
CA SER A 44 -14.25 -3.94 27.02
C SER A 44 -14.57 -5.21 27.83
N ARG A 45 -13.73 -5.47 28.85
CA ARG A 45 -13.88 -6.61 29.77
C ARG A 45 -15.17 -6.49 30.58
N LYS A 46 -15.69 -5.25 30.75
CA LYS A 46 -16.94 -5.00 31.47
C LYS A 46 -18.19 -5.21 30.62
N GLU A 47 -18.11 -4.83 29.32
CA GLU A 47 -19.24 -4.95 28.38
C GLU A 47 -19.37 -6.34 27.76
N LEU A 48 -18.22 -7.00 27.46
CA LEU A 48 -18.21 -8.31 26.83
C LEU A 48 -17.33 -9.32 27.60
N PRO A 49 -17.70 -9.69 28.86
CA PRO A 49 -16.87 -10.65 29.60
C PRO A 49 -16.77 -12.02 28.91
N GLU A 50 -17.81 -12.40 28.11
CA GLU A 50 -17.79 -13.67 27.37
C GLU A 50 -16.61 -13.74 26.39
N TYR A 51 -16.14 -12.58 25.87
CA TYR A 51 -14.97 -12.60 24.97
C TYR A 51 -13.76 -13.13 25.73
N TYR A 52 -13.58 -12.69 26.97
CA TYR A 52 -12.44 -13.06 27.80
C TYR A 52 -12.56 -14.44 28.42
N GLU A 53 -13.78 -15.00 28.45
CA GLU A 53 -14.05 -16.35 28.94
C GLU A 53 -13.61 -17.36 27.85
N LEU A 54 -13.84 -17.02 26.57
CA LEU A 54 -13.53 -17.90 25.45
C LEU A 54 -12.13 -17.68 24.84
N ILE A 55 -11.68 -16.43 24.73
CA ILE A 55 -10.39 -16.14 24.12
C ILE A 55 -9.28 -16.09 25.16
N ARG A 56 -8.39 -17.08 25.12
CA ARG A 56 -7.28 -17.26 26.04
C ARG A 56 -6.17 -16.23 25.92
N LYS A 57 -5.85 -15.78 24.67
CA LYS A 57 -4.78 -14.81 24.49
C LYS A 57 -5.31 -13.62 23.71
N PRO A 58 -6.12 -12.74 24.33
CA PRO A 58 -6.64 -11.58 23.58
C PRO A 58 -5.53 -10.64 23.16
N VAL A 59 -5.70 -10.11 21.95
CA VAL A 59 -4.77 -9.17 21.33
C VAL A 59 -5.52 -8.29 20.33
N ASP A 60 -5.05 -7.05 20.19
CA ASP A 60 -5.61 -6.10 19.24
C ASP A 60 -4.47 -5.40 18.49
N PHE A 61 -4.81 -4.56 17.48
CA PHE A 61 -3.75 -3.88 16.74
C PHE A 61 -3.02 -2.86 17.63
N LYS A 62 -3.73 -2.26 18.62
CA LYS A 62 -3.09 -1.35 19.58
C LYS A 62 -1.91 -2.06 20.28
N LYS A 63 -2.13 -3.30 20.75
CA LYS A 63 -1.10 -4.08 21.41
C LYS A 63 0.04 -4.44 20.45
N ILE A 64 -0.29 -4.84 19.21
CA ILE A 64 0.75 -5.15 18.23
C ILE A 64 1.59 -3.92 17.95
N LYS A 65 0.95 -2.74 17.85
CA LYS A 65 1.70 -1.49 17.61
C LYS A 65 2.59 -1.18 18.81
N GLU A 66 2.14 -1.51 20.06
CA GLU A 66 2.96 -1.31 21.27
C GLU A 66 4.20 -2.20 21.21
N ARG A 67 4.02 -3.45 20.80
CA ARG A 67 5.12 -4.39 20.70
C ARG A 67 6.11 -3.98 19.61
N ILE A 68 5.61 -3.41 18.51
CA ILE A 68 6.51 -2.91 17.47
C ILE A 68 7.30 -1.70 18.02
N ARG A 69 6.59 -0.75 18.63
CA ARG A 69 7.19 0.48 19.17
C ARG A 69 8.29 0.16 20.19
N ASN A 70 8.03 -0.84 21.06
CA ASN A 70 8.95 -1.18 22.13
C ASN A 70 9.93 -2.28 21.76
N HIS A 71 10.08 -2.54 20.43
CA HIS A 71 11.10 -3.42 19.86
C HIS A 71 10.99 -4.86 20.37
N LYS A 72 9.75 -5.31 20.66
CA LYS A 72 9.57 -6.65 21.20
C LYS A 72 9.63 -7.75 20.15
N TYR A 73 9.33 -7.42 18.89
CA TYR A 73 9.41 -8.42 17.84
C TYR A 73 10.82 -8.40 17.30
N ARG A 74 11.48 -9.58 17.30
CA ARG A 74 12.88 -9.67 16.87
C ARG A 74 13.01 -10.16 15.43
N SER A 75 11.88 -10.47 14.79
CA SER A 75 11.86 -10.93 13.39
C SER A 75 10.49 -10.69 12.84
N LEU A 76 10.37 -10.76 11.49
CA LEU A 76 9.07 -10.62 10.85
C LEU A 76 8.14 -11.77 11.24
N GLY A 77 8.70 -12.95 11.51
CA GLY A 77 7.94 -14.12 11.97
C GLY A 77 7.27 -13.88 13.33
N ASP A 78 7.96 -13.15 14.23
CA ASP A 78 7.42 -12.81 15.56
C ASP A 78 6.18 -11.93 15.40
N LEU A 79 6.26 -10.92 14.50
CA LEU A 79 5.14 -10.03 14.24
C LEU A 79 4.00 -10.83 13.59
N GLU A 80 4.31 -11.65 12.60
CA GLU A 80 3.29 -12.46 11.92
C GLU A 80 2.52 -13.33 12.92
N LYS A 81 3.20 -13.96 13.88
CA LYS A 81 2.54 -14.79 14.89
C LYS A 81 1.42 -14.03 15.62
N ASP A 82 1.67 -12.76 16.04
CA ASP A 82 0.65 -11.99 16.74
C ASP A 82 -0.49 -11.54 15.83
N VAL A 83 -0.20 -11.18 14.56
CA VAL A 83 -1.25 -10.80 13.62
C VAL A 83 -2.14 -12.03 13.37
N MET A 84 -1.52 -13.20 13.18
CA MET A 84 -2.28 -14.42 12.94
C MET A 84 -3.10 -14.80 14.17
N LEU A 85 -2.59 -14.53 15.39
CA LEU A 85 -3.33 -14.79 16.63
C LEU A 85 -4.56 -13.89 16.67
N LEU A 86 -4.39 -12.60 16.37
CA LEU A 86 -5.50 -11.67 16.36
C LEU A 86 -6.60 -12.21 15.41
N CYS A 87 -6.21 -12.57 14.17
CA CYS A 87 -7.19 -13.06 13.19
C CYS A 87 -7.80 -14.38 13.63
N HIS A 88 -7.01 -15.27 14.25
CA HIS A 88 -7.53 -16.54 14.76
C HIS A 88 -8.57 -16.29 15.89
N ASN A 89 -8.29 -15.34 16.80
CA ASN A 89 -9.26 -15.03 17.86
C ASN A 89 -10.58 -14.51 17.28
N ALA A 90 -10.48 -13.69 16.21
CA ALA A 90 -11.69 -13.15 15.59
C ALA A 90 -12.51 -14.29 15.04
N GLN A 91 -11.83 -15.28 14.43
CA GLN A 91 -12.50 -16.43 13.85
C GLN A 91 -13.03 -17.39 14.88
N THR A 92 -12.41 -17.44 16.07
CA THR A 92 -12.87 -18.29 17.14
C THR A 92 -14.14 -17.73 17.77
N PHE A 93 -14.15 -16.44 18.09
CA PHE A 93 -15.28 -15.88 18.81
C PHE A 93 -16.50 -15.64 17.94
N ASN A 94 -16.28 -15.12 16.72
CA ASN A 94 -17.35 -14.67 15.85
C ASN A 94 -17.82 -15.77 14.91
N LEU A 95 -19.10 -15.74 14.50
CA LEU A 95 -19.65 -16.81 13.67
C LEU A 95 -18.95 -16.90 12.33
N GLU A 96 -18.75 -18.13 11.83
CA GLU A 96 -18.26 -18.34 10.48
C GLU A 96 -19.21 -17.65 9.51
N GLY A 97 -18.66 -16.92 8.55
CA GLY A 97 -19.47 -16.20 7.58
C GLY A 97 -19.89 -14.81 7.98
N SER A 98 -19.72 -14.45 9.27
CA SER A 98 -20.07 -13.08 9.70
C SER A 98 -19.07 -12.10 9.09
N GLN A 99 -19.45 -10.82 8.99
CA GLN A 99 -18.58 -9.83 8.40
C GLN A 99 -17.24 -9.76 9.13
N ILE A 100 -17.24 -9.77 10.47
CA ILE A 100 -16.00 -9.67 11.24
C ILE A 100 -15.10 -10.91 11.04
N TYR A 101 -15.70 -12.10 10.96
CA TYR A 101 -14.94 -13.33 10.72
C TYR A 101 -14.30 -13.22 9.34
N GLU A 102 -15.09 -12.84 8.31
CA GLU A 102 -14.55 -12.75 6.96
C GLU A 102 -13.53 -11.63 6.80
N ASP A 103 -13.73 -10.50 7.49
CA ASP A 103 -12.73 -9.41 7.46
C ASP A 103 -11.39 -9.90 8.02
N SER A 104 -11.40 -10.71 9.09
CA SER A 104 -10.13 -11.18 9.66
C SER A 104 -9.37 -12.08 8.68
N ILE A 105 -10.09 -12.87 7.87
CA ILE A 105 -9.42 -13.70 6.87
C ILE A 105 -8.75 -12.81 5.82
N VAL A 106 -9.46 -11.75 5.38
CA VAL A 106 -8.90 -10.82 4.41
C VAL A 106 -7.62 -10.16 4.99
N LEU A 107 -7.66 -9.70 6.27
CA LEU A 107 -6.48 -9.08 6.88
C LEU A 107 -5.28 -10.02 6.95
N GLN A 108 -5.51 -11.36 7.15
CA GLN A 108 -4.38 -12.33 7.11
C GLN A 108 -3.72 -12.23 5.74
N SER A 109 -4.54 -12.23 4.66
CA SER A 109 -4.06 -12.15 3.29
C SER A 109 -3.30 -10.85 3.01
N VAL A 110 -3.82 -9.71 3.50
CA VAL A 110 -3.21 -8.40 3.35
C VAL A 110 -1.85 -8.38 4.05
N PHE A 111 -1.76 -8.95 5.26
CA PHE A 111 -0.48 -9.03 5.96
C PHE A 111 0.56 -9.79 5.11
N LYS A 112 0.19 -10.97 4.62
CA LYS A 112 1.10 -11.82 3.82
C LYS A 112 1.56 -11.15 2.55
N SER A 113 0.63 -10.47 1.85
CA SER A 113 0.95 -9.75 0.62
C SER A 113 1.89 -8.56 0.89
N ALA A 114 1.65 -7.82 2.00
CA ALA A 114 2.50 -6.68 2.36
C ALA A 114 3.92 -7.15 2.70
N ARG A 115 4.03 -8.30 3.39
CA ARG A 115 5.33 -8.86 3.76
C ARG A 115 6.13 -9.24 2.50
N GLN A 116 5.44 -9.79 1.48
CA GLN A 116 6.10 -10.19 0.24
C GLN A 116 6.67 -8.99 -0.53
N LYS A 117 6.00 -7.83 -0.41
CA LYS A 117 6.43 -6.62 -1.08
C LYS A 117 7.61 -5.93 -0.39
N ILE A 118 7.72 -5.98 0.96
CA ILE A 118 8.80 -5.27 1.68
C ILE A 118 10.04 -6.16 2.01
N ALA A 119 9.86 -7.49 2.11
CA ALA A 119 10.96 -8.42 2.43
C ALA A 119 11.35 -9.26 1.22
N PRO B 11 15.74 9.02 -19.67
CA PRO B 11 14.87 9.63 -18.64
C PRO B 11 13.40 9.32 -18.93
N LYS B 12 12.93 9.63 -20.16
CA LYS B 12 11.58 9.38 -20.64
C LYS B 12 11.30 7.88 -20.69
N LEU B 13 12.31 7.09 -21.12
CA LEU B 13 12.22 5.63 -21.20
C LEU B 13 11.97 4.98 -19.83
N THR B 14 12.75 5.39 -18.79
CA THR B 14 12.61 4.89 -17.41
C THR B 14 11.21 5.20 -16.86
N LYS B 15 10.74 6.44 -17.05
CA LYS B 15 9.41 6.87 -16.61
C LYS B 15 8.32 6.00 -17.27
N GLN B 16 8.42 5.78 -18.61
CA GLN B 16 7.50 4.95 -19.41
C GLN B 16 7.49 3.51 -18.89
N MET B 17 8.67 2.93 -18.69
CA MET B 17 8.76 1.55 -18.18
C MET B 17 8.15 1.43 -16.81
N ASN B 18 8.44 2.38 -15.91
CA ASN B 18 7.84 2.33 -14.57
C ASN B 18 6.31 2.52 -14.65
N ALA B 19 5.80 3.39 -15.55
CA ALA B 19 4.35 3.57 -15.67
C ALA B 19 3.69 2.28 -16.18
N ILE B 20 4.33 1.62 -17.15
CA ILE B 20 3.79 0.38 -17.72
C ILE B 20 3.73 -0.72 -16.67
N ILE B 21 4.83 -0.95 -15.96
CA ILE B 21 4.86 -2.00 -14.94
C ILE B 21 3.95 -1.68 -13.77
N ASP B 22 3.90 -0.40 -13.37
CA ASP B 22 2.98 -0.01 -12.29
C ASP B 22 1.53 -0.28 -12.71
N THR B 23 1.19 -0.07 -14.02
CA THR B 23 -0.18 -0.36 -14.49
C THR B 23 -0.45 -1.88 -14.36
N VAL B 24 0.51 -2.73 -14.74
CA VAL B 24 0.36 -4.20 -14.63
C VAL B 24 0.22 -4.59 -13.15
N ILE B 25 1.10 -4.06 -12.28
CA ILE B 25 1.05 -4.41 -10.85
C ILE B 25 -0.25 -3.94 -10.20
N ASN B 26 -0.73 -2.76 -10.56
CA ASN B 26 -1.93 -2.19 -9.94
C ASN B 26 -3.23 -2.84 -10.40
N TYR B 27 -3.22 -3.49 -11.59
CA TYR B 27 -4.40 -4.06 -12.22
C TYR B 27 -5.24 -4.91 -11.31
N LYS B 28 -6.53 -4.61 -11.26
CA LYS B 28 -7.49 -5.37 -10.50
C LYS B 28 -8.57 -5.91 -11.41
N ASP B 29 -9.03 -7.14 -11.17
CA ASP B 29 -10.14 -7.68 -11.95
C ASP B 29 -11.45 -6.99 -11.51
N SER B 30 -12.60 -7.37 -12.09
CA SER B 30 -13.87 -6.72 -11.73
C SER B 30 -14.31 -6.92 -10.27
N SER B 31 -13.72 -7.91 -9.58
CA SER B 31 -14.02 -8.17 -8.17
C SER B 31 -13.14 -7.34 -7.26
N GLY B 32 -12.11 -6.70 -7.83
CA GLY B 32 -11.17 -5.89 -7.06
C GLY B 32 -9.92 -6.65 -6.63
N ARG B 33 -9.71 -7.84 -7.20
CA ARG B 33 -8.55 -8.66 -6.87
C ARG B 33 -7.34 -8.23 -7.70
N GLN B 34 -6.24 -7.90 -7.03
CA GLN B 34 -5.00 -7.48 -7.70
C GLN B 34 -4.27 -8.73 -8.19
N LEU B 35 -4.31 -8.98 -9.51
CA LEU B 35 -3.75 -10.20 -10.09
C LEU B 35 -2.26 -10.38 -9.87
N SER B 36 -1.50 -9.27 -9.79
CA SER B 36 -0.05 -9.34 -9.68
C SER B 36 0.47 -9.83 -8.34
N GLU B 37 -0.40 -9.87 -7.30
CA GLU B 37 0.02 -10.17 -5.92
C GLU B 37 1.00 -11.31 -5.74
N VAL B 38 0.67 -12.49 -6.23
CA VAL B 38 1.53 -13.66 -6.04
C VAL B 38 2.85 -13.55 -6.78
N PHE B 39 2.88 -12.72 -7.84
CA PHE B 39 4.01 -12.61 -8.75
C PHE B 39 5.04 -11.57 -8.33
N ILE B 40 4.79 -10.84 -7.25
CA ILE B 40 5.73 -9.79 -6.83
C ILE B 40 7.08 -10.40 -6.43
N GLN B 41 7.05 -11.51 -5.67
CA GLN B 41 8.27 -12.11 -5.16
C GLN B 41 8.24 -13.61 -5.28
N LEU B 42 9.30 -14.16 -5.90
CA LEU B 42 9.48 -15.60 -6.04
C LEU B 42 9.54 -16.29 -4.68
N PRO B 43 9.10 -17.57 -4.57
CA PRO B 43 9.34 -18.31 -3.33
C PRO B 43 10.86 -18.48 -3.19
N SER B 44 11.42 -18.62 -1.99
CA SER B 44 12.86 -18.73 -1.93
C SER B 44 13.34 -20.12 -2.39
N ARG B 45 14.61 -20.20 -2.82
CA ARG B 45 15.27 -21.44 -3.24
C ARG B 45 15.25 -22.46 -2.11
N LYS B 46 15.28 -21.99 -0.85
CA LYS B 46 15.31 -22.85 0.35
C LYS B 46 13.95 -23.51 0.64
N GLU B 47 12.84 -22.78 0.42
CA GLU B 47 11.50 -23.29 0.73
C GLU B 47 10.87 -24.08 -0.39
N LEU B 48 11.12 -23.66 -1.64
CA LEU B 48 10.56 -24.31 -2.81
C LEU B 48 11.65 -24.57 -3.87
N PRO B 49 12.64 -25.44 -3.55
CA PRO B 49 13.69 -25.72 -4.53
C PRO B 49 13.16 -26.34 -5.82
N GLU B 50 12.00 -27.03 -5.75
CA GLU B 50 11.40 -27.67 -6.93
C GLU B 50 11.09 -26.62 -7.99
N TYR B 51 10.79 -25.36 -7.59
CA TYR B 51 10.54 -24.29 -8.55
C TYR B 51 11.81 -24.06 -9.37
N TYR B 52 12.97 -24.02 -8.70
CA TYR B 52 14.26 -23.73 -9.31
C TYR B 52 14.85 -24.90 -10.07
N GLU B 53 14.37 -26.10 -9.76
CA GLU B 53 14.76 -27.31 -10.47
C GLU B 53 14.11 -27.29 -11.88
N LEU B 54 12.86 -26.79 -11.97
CA LEU B 54 12.10 -26.75 -13.22
C LEU B 54 12.25 -25.46 -14.03
N ILE B 55 12.29 -24.32 -13.33
CA ILE B 55 12.34 -23.02 -14.03
C ILE B 55 13.77 -22.57 -14.27
N ARG B 56 14.16 -22.54 -15.56
CA ARG B 56 15.51 -22.16 -16.01
C ARG B 56 15.93 -20.73 -15.69
N LYS B 57 15.02 -19.74 -15.89
CA LYS B 57 15.33 -18.33 -15.71
C LYS B 57 14.28 -17.68 -14.80
N PRO B 58 14.34 -17.88 -13.47
CA PRO B 58 13.32 -17.28 -12.60
C PRO B 58 13.35 -15.76 -12.59
N VAL B 59 12.16 -15.17 -12.47
CA VAL B 59 11.98 -13.72 -12.48
C VAL B 59 10.67 -13.39 -11.73
N ASP B 60 10.66 -12.22 -11.06
CA ASP B 60 9.46 -11.75 -10.39
C ASP B 60 9.29 -10.28 -10.68
N PHE B 61 8.17 -9.66 -10.24
CA PHE B 61 8.02 -8.24 -10.52
C PHE B 61 9.02 -7.38 -9.77
N LYS B 62 9.46 -7.82 -8.58
CA LYS B 62 10.48 -7.03 -7.87
C LYS B 62 11.77 -6.97 -8.73
N LYS B 63 12.14 -8.09 -9.41
CA LYS B 63 13.33 -8.12 -10.26
C LYS B 63 13.15 -7.22 -11.47
N ILE B 64 11.96 -7.24 -12.09
CA ILE B 64 11.72 -6.40 -13.25
C ILE B 64 11.84 -4.91 -12.83
N LYS B 65 11.28 -4.55 -11.66
CA LYS B 65 11.37 -3.19 -11.15
C LYS B 65 12.83 -2.82 -10.90
N GLU B 66 13.65 -3.78 -10.41
CA GLU B 66 15.08 -3.53 -10.15
C GLU B 66 15.81 -3.25 -11.50
N ARG B 67 15.48 -4.03 -12.54
CA ARG B 67 16.09 -3.87 -13.84
C ARG B 67 15.69 -2.55 -14.50
N ILE B 68 14.45 -2.07 -14.23
CA ILE B 68 14.06 -0.75 -14.76
C ILE B 68 14.87 0.33 -14.00
N ARG B 69 14.83 0.27 -12.65
CA ARG B 69 15.50 1.23 -11.78
C ARG B 69 16.99 1.35 -12.12
N ASN B 70 17.68 0.21 -12.35
CA ASN B 70 19.09 0.17 -12.66
C ASN B 70 19.42 0.22 -14.16
N HIS B 71 18.43 0.64 -14.99
CA HIS B 71 18.64 0.93 -16.42
C HIS B 71 19.18 -0.25 -17.22
N LYS B 72 18.63 -1.45 -16.94
CA LYS B 72 19.09 -2.67 -17.60
C LYS B 72 18.35 -2.97 -18.89
N TYR B 73 17.13 -2.45 -19.05
CA TYR B 73 16.37 -2.66 -20.28
C TYR B 73 16.69 -1.54 -21.25
N ARG B 74 17.25 -1.89 -22.42
CA ARG B 74 17.63 -0.89 -23.41
C ARG B 74 16.45 -0.42 -24.24
N SER B 75 15.37 -1.20 -24.27
CA SER B 75 14.20 -0.89 -25.07
C SER B 75 12.96 -1.45 -24.40
N LEU B 76 11.77 -1.02 -24.84
CA LEU B 76 10.51 -1.58 -24.33
C LEU B 76 10.41 -3.06 -24.70
N GLY B 77 11.04 -3.46 -25.81
CA GLY B 77 11.10 -4.86 -26.23
C GLY B 77 11.82 -5.73 -25.20
N ASP B 78 12.90 -5.19 -24.57
CA ASP B 78 13.65 -5.92 -23.56
C ASP B 78 12.79 -6.10 -22.30
N LEU B 79 12.01 -5.08 -21.96
CA LEU B 79 11.12 -5.15 -20.80
C LEU B 79 10.04 -6.19 -21.09
N GLU B 80 9.43 -6.13 -22.29
CA GLU B 80 8.39 -7.09 -22.66
C GLU B 80 8.89 -8.54 -22.56
N LYS B 81 10.12 -8.82 -23.04
CA LYS B 81 10.70 -10.17 -22.96
C LYS B 81 10.69 -10.67 -21.51
N ASP B 82 11.05 -9.81 -20.54
CA ASP B 82 11.06 -10.26 -19.14
C ASP B 82 9.66 -10.47 -18.57
N VAL B 83 8.68 -9.64 -18.97
CA VAL B 83 7.31 -9.83 -18.50
C VAL B 83 6.76 -11.13 -19.10
N MET B 84 7.01 -11.36 -20.40
CA MET B 84 6.56 -12.60 -21.03
C MET B 84 7.25 -13.81 -20.41
N LEU B 85 8.52 -13.66 -20.00
CA LEU B 85 9.26 -14.72 -19.32
C LEU B 85 8.60 -15.05 -17.97
N LEU B 86 8.24 -14.02 -17.20
CA LEU B 86 7.55 -14.21 -15.91
C LEU B 86 6.26 -15.02 -16.13
N CYS B 87 5.44 -14.60 -17.10
CA CYS B 87 4.17 -15.27 -17.37
C CYS B 87 4.40 -16.68 -17.89
N HIS B 88 5.42 -16.88 -18.74
CA HIS B 88 5.76 -18.23 -19.20
C HIS B 88 6.15 -19.15 -18.01
N ASN B 89 6.97 -18.62 -17.07
CA ASN B 89 7.37 -19.41 -15.90
C ASN B 89 6.18 -19.82 -15.06
N ALA B 90 5.22 -18.89 -14.86
CA ALA B 90 4.02 -19.16 -14.08
C ALA B 90 3.24 -20.30 -14.75
N GLN B 91 3.14 -20.25 -16.08
CA GLN B 91 2.44 -21.27 -16.86
C GLN B 91 3.17 -22.61 -16.88
N THR B 92 4.50 -22.57 -16.77
CA THR B 92 5.30 -23.80 -16.75
C THR B 92 5.14 -24.53 -15.41
N PHE B 93 5.28 -23.80 -14.29
CA PHE B 93 5.26 -24.47 -12.99
C PHE B 93 3.89 -24.85 -12.49
N ASN B 94 2.92 -23.98 -12.72
CA ASN B 94 1.58 -24.14 -12.19
C ASN B 94 0.65 -24.88 -13.12
N LEU B 95 -0.33 -25.56 -12.55
CA LEU B 95 -1.27 -26.36 -13.36
C LEU B 95 -2.08 -25.52 -14.35
N GLU B 96 -2.30 -26.06 -15.53
CA GLU B 96 -3.17 -25.44 -16.53
C GLU B 96 -4.55 -25.31 -15.90
N GLY B 97 -5.18 -24.14 -16.06
CA GLY B 97 -6.51 -23.93 -15.49
C GLY B 97 -6.51 -23.45 -14.04
N SER B 98 -5.34 -23.48 -13.35
CA SER B 98 -5.26 -22.97 -11.97
C SER B 98 -5.38 -21.45 -12.01
N GLN B 99 -5.78 -20.83 -10.88
CA GLN B 99 -5.93 -19.37 -10.85
C GLN B 99 -4.62 -18.65 -11.24
N ILE B 100 -3.47 -19.10 -10.73
CA ILE B 100 -2.19 -18.46 -11.04
C ILE B 100 -1.85 -18.57 -12.54
N TYR B 101 -2.13 -19.73 -13.16
CA TYR B 101 -1.89 -19.90 -14.59
C TYR B 101 -2.78 -18.91 -15.36
N GLU B 102 -4.08 -18.87 -15.05
CA GLU B 102 -5.01 -17.98 -15.75
C GLU B 102 -4.64 -16.51 -15.53
N ASP B 103 -4.29 -16.15 -14.30
CA ASP B 103 -3.89 -14.77 -13.98
C ASP B 103 -2.69 -14.34 -14.83
N SER B 104 -1.70 -15.24 -15.03
CA SER B 104 -0.52 -14.86 -15.82
C SER B 104 -0.91 -14.54 -17.28
N ILE B 105 -1.92 -15.24 -17.83
CA ILE B 105 -2.39 -14.96 -19.18
C ILE B 105 -3.00 -13.56 -19.27
N VAL B 106 -3.83 -13.20 -18.28
CA VAL B 106 -4.44 -11.88 -18.23
C VAL B 106 -3.34 -10.81 -18.12
N LEU B 107 -2.34 -11.03 -17.24
CA LEU B 107 -1.28 -10.04 -17.08
C LEU B 107 -0.47 -9.80 -18.34
N GLN B 108 -0.29 -10.82 -19.19
CA GLN B 108 0.39 -10.66 -20.49
C GLN B 108 -0.38 -9.59 -21.30
N SER B 109 -1.73 -9.73 -21.36
CA SER B 109 -2.60 -8.79 -22.07
C SER B 109 -2.58 -7.40 -21.47
N VAL B 110 -2.63 -7.31 -20.12
CA VAL B 110 -2.58 -6.04 -19.42
C VAL B 110 -1.26 -5.34 -19.77
N PHE B 111 -0.13 -6.10 -19.81
CA PHE B 111 1.15 -5.50 -20.19
C PHE B 111 1.08 -4.89 -21.58
N LYS B 112 0.61 -5.67 -22.57
CA LYS B 112 0.57 -5.19 -23.96
C LYS B 112 -0.33 -3.95 -24.13
N SER B 113 -1.46 -3.93 -23.41
CA SER B 113 -2.36 -2.79 -23.44
C SER B 113 -1.72 -1.57 -22.78
N ALA B 114 -1.05 -1.76 -21.62
CA ALA B 114 -0.39 -0.64 -20.95
C ALA B 114 0.74 -0.08 -21.82
N ARG B 115 1.52 -0.96 -22.48
CA ARG B 115 2.60 -0.53 -23.36
C ARG B 115 2.07 0.34 -24.49
N GLN B 116 0.93 -0.05 -25.09
CA GLN B 116 0.35 0.74 -26.17
C GLN B 116 -0.12 2.10 -25.67
N LYS B 117 -0.82 2.12 -24.52
CA LYS B 117 -1.38 3.34 -23.94
C LYS B 117 -0.31 4.38 -23.52
N ILE B 118 0.76 3.91 -22.86
CA ILE B 118 1.80 4.77 -22.30
C ILE B 118 2.87 5.16 -23.33
N ALA B 119 3.42 4.18 -24.04
CA ALA B 119 4.50 4.43 -24.97
C ALA B 119 4.04 4.94 -26.32
N LYS B 120 2.83 4.58 -26.74
CA LYS B 120 2.31 5.02 -28.03
C LYS B 120 1.06 5.88 -27.83
N LEU C 6 -9.22 35.07 17.18
CA LEU C 6 -8.03 35.36 16.39
C LEU C 6 -6.78 35.48 17.25
N SER C 7 -5.74 34.66 16.94
CA SER C 7 -4.45 34.59 17.63
C SER C 7 -3.36 33.99 16.73
N PRO C 8 -2.04 34.25 16.93
CA PRO C 8 -1.05 33.66 16.02
C PRO C 8 -0.80 32.18 16.31
N ASN C 9 -0.28 31.46 15.32
CA ASN C 9 0.04 30.04 15.46
C ASN C 9 1.24 29.87 16.37
N PRO C 10 1.08 29.17 17.53
CA PRO C 10 2.24 28.95 18.40
C PRO C 10 3.30 28.11 17.67
N PRO C 11 4.61 28.35 17.88
CA PRO C 11 5.63 27.56 17.18
C PRO C 11 5.42 26.05 17.29
N LYS C 12 4.83 25.60 18.43
CA LYS C 12 4.47 24.20 18.70
C LYS C 12 3.51 23.71 17.60
N LEU C 13 2.50 24.52 17.26
CA LEU C 13 1.52 24.20 16.21
C LEU C 13 2.15 24.09 14.83
N THR C 14 2.96 25.09 14.43
CA THR C 14 3.66 25.10 13.14
C THR C 14 4.61 23.90 13.01
N LYS C 15 5.27 23.53 14.12
CA LYS C 15 6.14 22.34 14.18
C LYS C 15 5.28 21.09 13.97
N GLN C 16 4.09 21.02 14.62
CA GLN C 16 3.13 19.91 14.49
C GLN C 16 2.68 19.80 13.04
N MET C 17 2.26 20.93 12.43
CA MET C 17 1.81 20.95 11.02
C MET C 17 2.89 20.44 10.07
N ASN C 18 4.12 20.97 10.17
CA ASN C 18 5.26 20.55 9.35
C ASN C 18 5.62 19.09 9.60
N ALA C 19 5.59 18.62 10.88
CA ALA C 19 5.84 17.21 11.23
C ALA C 19 4.78 16.30 10.59
N ILE C 20 3.47 16.70 10.66
CA ILE C 20 2.36 15.96 10.08
C ILE C 20 2.51 15.89 8.56
N ILE C 21 2.76 17.04 7.90
CA ILE C 21 2.88 17.09 6.44
C ILE C 21 4.15 16.39 5.94
N ASP C 22 5.26 16.48 6.70
CA ASP C 22 6.48 15.76 6.31
C ASP C 22 6.27 14.24 6.41
N THR C 23 5.41 13.78 7.36
CA THR C 23 5.05 12.36 7.54
C THR C 23 4.27 11.87 6.33
N VAL C 24 3.35 12.70 5.83
CA VAL C 24 2.54 12.40 4.66
C VAL C 24 3.43 12.39 3.40
N ILE C 25 4.27 13.44 3.22
CA ILE C 25 5.16 13.57 2.07
C ILE C 25 6.21 12.44 2.03
N ASN C 26 6.85 12.12 3.18
CA ASN C 26 7.88 11.09 3.27
C ASN C 26 7.35 9.65 3.39
N TYR C 27 6.01 9.45 3.47
CA TYR C 27 5.40 8.11 3.58
C TYR C 27 5.72 7.23 2.37
N LYS C 28 6.13 5.98 2.64
CA LYS C 28 6.42 4.99 1.61
C LYS C 28 5.59 3.75 1.86
N ASP C 29 5.07 3.14 0.79
CA ASP C 29 4.29 1.90 0.89
C ASP C 29 5.21 0.69 1.14
N SER C 30 4.67 -0.54 1.00
CA SER C 30 5.44 -1.77 1.18
C SER C 30 6.48 -1.99 0.06
N SER C 31 6.26 -1.36 -1.12
CA SER C 31 7.20 -1.45 -2.25
C SER C 31 8.38 -0.47 -2.10
N GLY C 32 8.23 0.52 -1.20
CA GLY C 32 9.24 1.54 -0.95
C GLY C 32 9.07 2.78 -1.79
N ARG C 33 7.88 2.96 -2.38
CA ARG C 33 7.56 4.09 -3.25
C ARG C 33 6.95 5.26 -2.47
N GLN C 34 7.49 6.47 -2.69
CA GLN C 34 7.00 7.70 -2.08
C GLN C 34 5.72 8.11 -2.82
N LEU C 35 4.56 7.81 -2.19
CA LEU C 35 3.22 8.03 -2.71
C LEU C 35 2.90 9.48 -3.04
N SER C 36 3.47 10.43 -2.29
CA SER C 36 3.22 11.86 -2.50
C SER C 36 3.90 12.46 -3.74
N GLU C 37 4.91 11.77 -4.32
CA GLU C 37 5.72 12.31 -5.44
C GLU C 37 4.95 13.11 -6.48
N VAL C 38 3.97 12.50 -7.17
CA VAL C 38 3.17 13.16 -8.20
C VAL C 38 2.37 14.38 -7.66
N PHE C 39 1.96 14.33 -6.38
CA PHE C 39 1.14 15.35 -5.76
C PHE C 39 1.90 16.60 -5.27
N ILE C 40 3.27 16.61 -5.33
CA ILE C 40 4.04 17.78 -4.88
C ILE C 40 3.70 19.05 -5.70
N GLN C 41 3.58 18.92 -7.04
CA GLN C 41 3.26 20.04 -7.93
C GLN C 41 2.15 19.75 -8.91
N LEU C 42 1.22 20.73 -9.09
CA LEU C 42 0.10 20.70 -10.02
C LEU C 42 0.58 20.59 -11.48
N PRO C 43 -0.24 19.99 -12.38
CA PRO C 43 0.16 19.96 -13.81
C PRO C 43 0.03 21.36 -14.39
N SER C 44 0.80 21.70 -15.43
CA SER C 44 0.67 23.04 -15.99
C SER C 44 -0.64 23.14 -16.77
N ARG C 45 -1.15 24.38 -16.93
CA ARG C 45 -2.36 24.71 -17.69
C ARG C 45 -2.12 24.34 -19.17
N LYS C 46 -0.86 24.42 -19.64
CA LYS C 46 -0.53 24.03 -21.00
C LYS C 46 -0.61 22.50 -21.19
N GLU C 47 0.00 21.72 -20.29
CA GLU C 47 -0.01 20.26 -20.48
C GLU C 47 -1.36 19.61 -20.15
N LEU C 48 -2.18 20.19 -19.24
CA LEU C 48 -3.48 19.60 -18.92
C LEU C 48 -4.55 20.68 -18.61
N PRO C 49 -5.03 21.40 -19.64
CA PRO C 49 -6.02 22.47 -19.39
C PRO C 49 -7.32 21.96 -18.80
N GLU C 50 -7.69 20.71 -19.13
CA GLU C 50 -8.89 20.08 -18.57
C GLU C 50 -8.84 19.92 -17.05
N TYR C 51 -7.62 19.84 -16.45
CA TYR C 51 -7.51 19.71 -14.97
C TYR C 51 -8.19 20.93 -14.35
N TYR C 52 -7.93 22.13 -14.92
CA TYR C 52 -8.46 23.41 -14.42
C TYR C 52 -9.90 23.65 -14.81
N GLU C 53 -10.41 22.90 -15.80
CA GLU C 53 -11.80 23.02 -16.18
C GLU C 53 -12.62 22.17 -15.21
N LEU C 54 -12.08 21.01 -14.76
CA LEU C 54 -12.78 20.06 -13.92
C LEU C 54 -12.55 20.19 -12.41
N ILE C 55 -11.38 20.73 -12.01
CA ILE C 55 -11.02 20.84 -10.60
C ILE C 55 -11.25 22.27 -10.12
N ARG C 56 -12.31 22.46 -9.31
CA ARG C 56 -12.71 23.77 -8.79
C ARG C 56 -11.62 24.46 -7.97
N LYS C 57 -11.00 23.70 -7.04
CA LYS C 57 -9.99 24.27 -6.14
C LYS C 57 -8.67 23.50 -6.22
N PRO C 58 -7.83 23.74 -7.26
CA PRO C 58 -6.56 23.02 -7.37
C PRO C 58 -5.63 23.29 -6.20
N VAL C 59 -4.90 22.26 -5.77
CA VAL C 59 -3.97 22.34 -4.64
C VAL C 59 -2.93 21.22 -4.79
N ASP C 60 -1.68 21.53 -4.42
CA ASP C 60 -0.57 20.59 -4.43
C ASP C 60 0.19 20.70 -3.08
N PHE C 61 1.09 19.76 -2.76
CA PHE C 61 1.78 19.79 -1.46
C PHE C 61 2.68 21.02 -1.31
N LYS C 62 3.19 21.58 -2.45
CA LYS C 62 3.99 22.81 -2.44
C LYS C 62 3.13 23.94 -1.89
N LYS C 63 1.86 24.05 -2.34
CA LYS C 63 0.92 25.06 -1.82
C LYS C 63 0.61 24.82 -0.35
N ILE C 64 0.46 23.54 0.07
CA ILE C 64 0.15 23.25 1.47
C ILE C 64 1.35 23.66 2.35
N LYS C 65 2.58 23.40 1.88
CA LYS C 65 3.77 23.81 2.60
C LYS C 65 3.84 25.33 2.74
N GLU C 66 3.45 26.05 1.66
CA GLU C 66 3.45 27.52 1.65
C GLU C 66 2.44 28.00 2.69
N ARG C 67 1.26 27.34 2.73
CA ARG C 67 0.21 27.73 3.67
C ARG C 67 0.57 27.47 5.14
N ILE C 68 1.43 26.47 5.41
CA ILE C 68 1.93 26.27 6.78
C ILE C 68 2.89 27.41 7.12
N ARG C 69 3.82 27.69 6.19
CA ARG C 69 4.83 28.73 6.33
C ARG C 69 4.21 30.12 6.55
N ASN C 70 3.14 30.43 5.77
CA ASN C 70 2.43 31.71 5.86
C ASN C 70 1.31 31.72 6.87
N HIS C 71 1.25 30.70 7.75
CA HIS C 71 0.29 30.66 8.86
C HIS C 71 -1.17 30.82 8.37
N LYS C 72 -1.47 30.23 7.19
CA LYS C 72 -2.83 30.32 6.61
C LYS C 72 -3.78 29.37 7.29
N TYR C 73 -3.25 28.24 7.77
CA TYR C 73 -4.05 27.30 8.52
C TYR C 73 -4.04 27.81 9.96
N ARG C 74 -5.25 28.13 10.48
CA ARG C 74 -5.47 28.65 11.84
C ARG C 74 -5.53 27.53 12.86
N SER C 75 -5.50 26.26 12.40
CA SER C 75 -5.63 25.09 13.24
C SER C 75 -5.24 23.84 12.47
N LEU C 76 -5.09 22.70 13.19
CA LEU C 76 -4.83 21.39 12.57
C LEU C 76 -6.03 20.93 11.70
N GLY C 77 -7.24 21.43 12.01
CA GLY C 77 -8.45 21.16 11.25
C GLY C 77 -8.38 21.83 9.89
N ASP C 78 -7.86 23.07 9.85
CA ASP C 78 -7.69 23.81 8.59
C ASP C 78 -6.71 23.06 7.68
N LEU C 79 -5.63 22.52 8.26
CA LEU C 79 -4.62 21.76 7.52
C LEU C 79 -5.27 20.51 6.94
N GLU C 80 -6.03 19.82 7.79
CA GLU C 80 -6.73 18.61 7.38
C GLU C 80 -7.62 18.87 6.19
N LYS C 81 -8.39 19.97 6.20
CA LYS C 81 -9.30 20.29 5.10
C LYS C 81 -8.56 20.39 3.76
N ASP C 82 -7.37 21.00 3.75
CA ASP C 82 -6.62 21.16 2.50
C ASP C 82 -6.02 19.84 2.03
N VAL C 83 -5.56 18.99 2.96
CA VAL C 83 -5.01 17.70 2.55
C VAL C 83 -6.16 16.84 1.99
N MET C 84 -7.36 16.87 2.63
CA MET C 84 -8.51 16.11 2.17
C MET C 84 -8.97 16.65 0.81
N LEU C 85 -8.82 17.96 0.59
CA LEU C 85 -9.17 18.57 -0.69
C LEU C 85 -8.23 18.05 -1.79
N LEU C 86 -6.92 18.03 -1.52
CA LEU C 86 -5.95 17.50 -2.46
C LEU C 86 -6.32 16.08 -2.87
N CYS C 87 -6.57 15.22 -1.87
CA CYS C 87 -6.93 13.84 -2.13
C CYS C 87 -8.26 13.73 -2.88
N HIS C 88 -9.25 14.58 -2.54
CA HIS C 88 -10.55 14.57 -3.22
C HIS C 88 -10.38 14.96 -4.70
N ASN C 89 -9.52 15.95 -4.99
CA ASN C 89 -9.27 16.38 -6.37
C ASN C 89 -8.64 15.25 -7.18
N ALA C 90 -7.71 14.52 -6.54
CA ALA C 90 -7.06 13.39 -7.18
C ALA C 90 -8.12 12.34 -7.53
N GLN C 91 -9.07 12.06 -6.60
CA GLN C 91 -10.14 11.09 -6.84
C GLN C 91 -11.17 11.56 -7.86
N THR C 92 -11.39 12.89 -7.91
CA THR C 92 -12.31 13.51 -8.87
C THR C 92 -11.74 13.37 -10.30
N PHE C 93 -10.49 13.80 -10.52
CA PHE C 93 -9.92 13.84 -11.87
C PHE C 93 -9.52 12.50 -12.44
N ASN C 94 -8.87 11.69 -11.61
CA ASN C 94 -8.20 10.47 -12.03
C ASN C 94 -9.08 9.26 -12.07
N LEU C 95 -8.69 8.29 -12.91
CA LEU C 95 -9.45 7.06 -13.10
C LEU C 95 -9.61 6.23 -11.84
N GLU C 96 -10.84 5.76 -11.59
CA GLU C 96 -11.17 4.90 -10.46
C GLU C 96 -10.27 3.66 -10.51
N GLY C 97 -9.61 3.36 -9.40
CA GLY C 97 -8.72 2.21 -9.30
C GLY C 97 -7.32 2.42 -9.84
N SER C 98 -7.02 3.59 -10.46
CA SER C 98 -5.68 3.91 -10.97
C SER C 98 -4.71 4.07 -9.80
N GLN C 99 -3.38 3.98 -10.05
CA GLN C 99 -2.38 4.09 -9.00
C GLN C 99 -2.50 5.40 -8.23
N ILE C 100 -2.62 6.53 -8.97
CA ILE C 100 -2.74 7.87 -8.39
C ILE C 100 -4.02 8.00 -7.55
N TYR C 101 -5.14 7.41 -8.02
CA TYR C 101 -6.43 7.42 -7.32
C TYR C 101 -6.27 6.66 -5.98
N GLU C 102 -5.69 5.44 -6.04
CA GLU C 102 -5.45 4.61 -4.86
C GLU C 102 -4.47 5.26 -3.87
N ASP C 103 -3.37 5.87 -4.36
CA ASP C 103 -2.37 6.56 -3.53
C ASP C 103 -3.03 7.68 -2.72
N SER C 104 -3.98 8.40 -3.34
CA SER C 104 -4.66 9.50 -2.67
C SER C 104 -5.52 9.05 -1.49
N ILE C 105 -6.15 7.86 -1.60
CA ILE C 105 -6.97 7.31 -0.51
C ILE C 105 -6.03 6.92 0.64
N VAL C 106 -4.84 6.37 0.32
CA VAL C 106 -3.84 5.99 1.31
C VAL C 106 -3.33 7.23 2.04
N LEU C 107 -3.09 8.34 1.31
CA LEU C 107 -2.57 9.56 1.93
C LEU C 107 -3.58 10.19 2.90
N GLN C 108 -4.92 9.97 2.70
CA GLN C 108 -5.94 10.44 3.65
C GLN C 108 -5.76 9.73 5.01
N SER C 109 -5.54 8.40 4.99
CA SER C 109 -5.35 7.61 6.20
C SER C 109 -4.02 7.93 6.87
N VAL C 110 -2.96 8.17 6.06
CA VAL C 110 -1.63 8.54 6.57
C VAL C 110 -1.71 9.87 7.29
N PHE C 111 -2.53 10.80 6.78
CA PHE C 111 -2.68 12.09 7.42
C PHE C 111 -3.38 11.99 8.78
N LYS C 112 -4.55 11.32 8.83
CA LYS C 112 -5.35 11.16 10.04
C LYS C 112 -4.58 10.45 11.13
N SER C 113 -3.76 9.44 10.76
CA SER C 113 -2.92 8.70 11.70
C SER C 113 -1.79 9.58 12.22
N ALA C 114 -1.20 10.43 11.32
CA ALA C 114 -0.14 11.36 11.70
C ALA C 114 -0.70 12.42 12.64
N ARG C 115 -1.90 12.97 12.34
CA ARG C 115 -2.58 13.95 13.20
C ARG C 115 -2.89 13.36 14.59
N GLN C 116 -3.21 12.05 14.65
CA GLN C 116 -3.50 11.37 15.92
C GLN C 116 -2.25 11.11 16.76
N LYS C 117 -1.09 10.84 16.12
CA LYS C 117 0.15 10.57 16.85
C LYS C 117 0.99 11.83 17.18
N ILE C 118 1.11 12.78 16.22
CA ILE C 118 1.88 14.03 16.41
C ILE C 118 1.21 14.94 17.45
N ALA C 119 -0.12 15.14 17.34
CA ALA C 119 -0.88 15.96 18.28
C ALA C 119 -1.45 15.11 19.42
C4 IF8 D . -11.34 -6.36 18.72
C5 IF8 D . -12.21 -7.42 18.49
C6 IF8 D . -11.71 -8.71 18.13
C8 IF8 D . -14.43 -8.34 18.30
C10 IF8 D . -12.65 -9.82 17.94
C17 IF8 D . -15.20 -4.11 19.88
C20 IF8 D . -16.87 -8.86 18.23
C21 IF8 D . -17.69 -3.57 20.01
C22 IF8 D . -17.63 -2.95 21.41
C26 IF8 D . -17.87 -2.46 18.96
C28 IF8 D . -17.55 -9.25 19.54
C1 IF8 D . -10.31 -8.84 18.01
C2 IF8 D . -9.46 -7.77 18.28
C3 IF8 D . -9.98 -6.54 18.62
N7 IF8 D . -13.60 -7.27 18.64
N9 IF8 D . -14.00 -9.55 17.99
C11 IF8 D . -14.42 -6.20 19.04
C12 IF8 D . -15.74 -6.61 18.86
N13 IF8 D . -15.72 -7.93 18.40
O14 IF8 D . -12.27 -11.00 17.86
BR1 IF8 D . -9.47 -10.35 17.25
C16 IF8 D . -14.14 -4.94 19.56
C18 IF8 D . -16.54 -4.50 19.69
C19 IF8 D . -16.80 -5.76 19.18
C23 IF8 D . -18.86 -2.09 21.68
N24 IF8 D . -19.00 -1.04 20.64
C25 IF8 D . -19.09 -1.61 19.28
C27 IF8 D . -17.99 -8.34 17.32
C29 IF8 D . -19.00 -9.46 19.17
C30 IF8 D . -19.25 -8.43 18.15
ZN ZN E . 12.84 2.74 20.28
ZN ZN F . -3.93 -22.89 17.03
C4 IF8 G . 6.20 -15.65 -7.83
C5 IF8 G . 5.66 -16.84 -8.29
C6 IF8 G . 5.71 -17.20 -9.66
C8 IF8 G . 4.50 -18.93 -7.90
C10 IF8 G . 5.21 -18.51 -10.10
C17 IF8 G . 4.92 -17.18 -3.67
C20 IF8 G . 3.37 -20.97 -7.02
C21 IF8 G . 4.03 -18.76 -1.89
C22 IF8 G . 5.31 -19.18 -1.17
C26 IF8 G . 3.27 -17.73 -1.05
C28 IF8 G . 4.20 -22.08 -6.38
C1 IF8 G . 6.33 -16.27 -10.53
C2 IF8 G . 6.90 -15.10 -10.07
C3 IF8 G . 6.83 -14.79 -8.72
N7 IF8 G . 5.05 -17.75 -7.39
N9 IF8 G . 4.56 -19.31 -9.15
C11 IF8 G . 4.85 -17.74 -6.00
C12 IF8 G . 4.15 -18.91 -5.67
N13 IF8 G . 3.95 -19.63 -6.86
O14 IF8 G . 5.48 -18.99 -11.21
BR1 IF8 G . 6.24 -16.42 -12.41
C16 IF8 G . 5.23 -16.86 -4.99
C18 IF8 G . 4.24 -18.35 -3.34
C19 IF8 G . 3.83 -19.22 -4.35
C23 IF8 G . 5.01 -19.69 0.23
N24 IF8 G . 4.27 -18.66 1.01
C25 IF8 G . 2.99 -18.27 0.35
C27 IF8 G . 1.95 -21.12 -6.44
C29 IF8 G . 3.18 -23.10 -5.95
C30 IF8 G . 2.04 -22.29 -5.48
ZN ZN H . 19.03 5.99 -12.20
C4 IF8 I . -0.69 17.13 -8.91
C5 IF8 I . -1.67 16.30 -9.46
C6 IF8 I . -2.87 16.05 -8.77
C8 IF8 I . -2.46 14.79 -11.16
C10 IF8 I . -3.92 15.22 -9.40
C17 IF8 I . 1.59 16.18 -12.80
C20 IF8 I . -2.82 13.23 -13.09
C21 IF8 I . 2.30 14.90 -14.87
C22 IF8 I . 2.31 15.95 -15.98
C26 IF8 I . 3.74 14.64 -14.38
C28 IF8 I . -3.36 13.80 -14.39
C1 IF8 I . -3.04 16.65 -7.50
C2 IF8 I . -2.08 17.52 -6.99
C3 IF8 I . -0.91 17.76 -7.69
N7 IF8 I . -1.49 15.68 -10.71
N9 IF8 I . -3.62 14.59 -10.59
C11 IF8 I . -0.43 15.67 -11.64
C12 IF8 I . -0.73 14.71 -12.60
N13 IF8 I . -1.99 14.18 -12.30
O14 IF8 I . -5.08 15.20 -8.97
BR1 IF8 I . -4.48 16.29 -6.35
C16 IF8 I . 0.73 16.43 -11.74
C18 IF8 I . 1.32 15.20 -13.75
C19 IF8 I . 0.13 14.46 -13.67
C23 IF8 I . 3.25 15.55 -17.10
N24 IF8 I . 4.62 15.31 -16.58
C25 IF8 I . 4.64 14.26 -15.53
C27 IF8 I . -2.11 11.93 -13.48
C29 IF8 I . -3.55 12.60 -15.29
C30 IF8 I . -2.39 11.75 -14.97
ZN ZN J . 6.02 33.25 10.22
#